data_6KRO
#
_entry.id   6KRO
#
_cell.length_a   66.116
_cell.length_b   66.116
_cell.length_c   114.758
_cell.angle_alpha   90.000
_cell.angle_beta   90.000
_cell.angle_gamma   90.000
#
_symmetry.space_group_name_H-M   'P 41 21 2'
#
loop_
_entity.id
_entity.type
_entity.pdbx_description
1 polymer Tankyrase-2
2 polymer Tankyrase-2
3 non-polymer "6-[(2S,6R)-2,6-dimethylmorpholin-4-yl]-4-fluoranyl-1-methyl-1'-(8-methyl-4-oxidanylidene-3,5,6,7-tetrahydropyrido[2,3-d]pyrimidin-2-yl)spiro[indole-3,4'-piperidine]-2-one"
4 non-polymer 'ZINC ION'
5 non-polymer 'PHOSPHATE ION'
6 non-polymer GLYCEROL
7 water water
#
loop_
_entity_poly.entity_id
_entity_poly.type
_entity_poly.pdbx_seq_one_letter_code
_entity_poly.pdbx_strand_id
1 'polypeptide(L)'
;NTSGSGTILIDLSPDDKEFQSVEEEMQSTVREHRDGGHAGGIFNRYNILKIQKVCNKKLWERYTHRRKEVSEENHNHANE
RMLFHGSPFVNAIIHKGFDERHAYIGGMFGAGIYFAENSSKSNQYVYGIGGGTGCPVHKDRSCYICHRQLLFCRVTLGKS
FLQFSAMK
;
A
2 'polypeptide(L)' MAHSPPGHHSVTGRPSVNGLALAEYVIYRGEQAYPEYLITYQIMRPEG B
#
loop_
_chem_comp.id
_chem_comp.type
_chem_comp.name
_chem_comp.formula
DU9 non-polymer 6-[(2S,6R)-2,6-dimethylmorpholin-4-yl]-4-fluoranyl-1-methyl-1'-(8-methyl-4-oxidanylidene-3,5,6,7-tetrahydropyrido[2,3-d]pyrimidin-2-yl)spiro[indole-3,4'-piperidine]-2-one 'C27 H35 F N6 O3'
GOL non-polymer GLYCEROL 'C3 H8 O3'
PO4 non-polymer 'PHOSPHATE ION' 'O4 P -3'
ZN non-polymer 'ZINC ION' 'Zn 2'
#
# COMPACT_ATOMS: atom_id res chain seq x y z
N GLY A 6 7.58 7.22 18.86
CA GLY A 6 8.89 6.60 18.79
C GLY A 6 9.29 6.15 17.39
N THR A 7 8.71 6.78 16.37
CA THR A 7 9.10 6.49 14.99
C THR A 7 10.26 7.37 14.56
N ILE A 8 11.24 6.73 13.92
CA ILE A 8 12.39 7.37 13.30
C ILE A 8 12.34 7.05 11.82
N LEU A 9 12.64 8.05 10.98
CA LEU A 9 12.71 7.89 9.52
C LEU A 9 14.17 8.00 9.09
N ILE A 10 14.68 6.98 8.41
CA ILE A 10 16.08 6.95 7.98
C ILE A 10 16.10 7.13 6.47
N ASP A 11 16.73 8.21 6.00
CA ASP A 11 16.85 8.44 4.55
C ASP A 11 17.77 7.41 3.93
N LEU A 12 17.31 6.79 2.84
CA LEU A 12 18.17 5.89 2.09
C LEU A 12 18.83 6.63 0.95
N SER A 13 20.09 6.32 0.70
CA SER A 13 20.82 6.95 -0.38
C SER A 13 20.40 6.34 -1.72
N PRO A 14 20.23 7.15 -2.77
CA PRO A 14 19.94 6.57 -4.09
C PRO A 14 21.05 5.66 -4.61
N ASP A 15 22.26 5.79 -4.07
CA ASP A 15 23.37 4.91 -4.40
C ASP A 15 23.25 3.54 -3.75
N ASP A 16 22.31 3.39 -2.81
CA ASP A 16 22.17 2.19 -1.99
C ASP A 16 21.30 1.19 -2.74
N LYS A 17 21.71 -0.09 -2.72
CA LYS A 17 20.93 -1.08 -3.43
C LYS A 17 19.52 -1.20 -2.85
N GLU A 18 19.36 -0.86 -1.57
CA GLU A 18 18.04 -0.95 -0.97
C GLU A 18 17.11 0.11 -1.53
N PHE A 19 17.62 1.33 -1.74
CA PHE A 19 16.83 2.35 -2.41
C PHE A 19 16.45 1.93 -3.83
N GLN A 20 17.44 1.45 -4.59
CA GLN A 20 17.20 1.09 -5.98
C GLN A 20 16.20 -0.05 -6.09
N SER A 21 16.27 -1.00 -5.15
CA SER A 21 15.32 -2.11 -5.11
C SER A 21 13.90 -1.62 -4.88
N VAL A 22 13.70 -0.73 -3.90
CA VAL A 22 12.36 -0.24 -3.61
C VAL A 22 11.84 0.62 -4.76
N GLU A 23 12.70 1.50 -5.30
CA GLU A 23 12.29 2.26 -6.49
C GLU A 23 11.82 1.33 -7.59
N GLU A 24 12.56 0.25 -7.84
CA GLU A 24 12.21 -0.66 -8.91
C GLU A 24 10.83 -1.28 -8.69
N GLU A 25 10.49 -1.59 -7.43
CA GLU A 25 9.17 -2.11 -7.14
C GLU A 25 8.09 -1.06 -7.46
N MET A 26 8.34 0.19 -7.06
CA MET A 26 7.43 1.28 -7.43
C MET A 26 7.24 1.33 -8.94
N GLN A 27 8.34 1.48 -9.67
CA GLN A 27 8.27 1.79 -11.10
C GLN A 27 7.68 0.62 -11.86
N SER A 28 8.10 -0.59 -11.52
CA SER A 28 7.77 -1.74 -12.36
C SER A 28 6.33 -2.19 -12.17
N THR A 29 5.63 -1.68 -11.17
CA THR A 29 4.25 -2.08 -10.92
C THR A 29 3.27 -0.95 -11.25
N VAL A 30 3.71 0.06 -12.00
CA VAL A 30 2.76 0.99 -12.60
C VAL A 30 2.00 0.29 -13.71
N ARG A 31 0.70 0.56 -13.77
CA ARG A 31 -0.11 0.06 -14.86
C ARG A 31 -1.03 1.18 -15.31
N GLU A 32 -1.68 0.97 -16.46
CA GLU A 32 -2.80 1.81 -16.87
C GLU A 32 -4.04 1.45 -16.06
N HIS A 33 -4.82 2.47 -15.73
CA HIS A 33 -6.03 2.26 -14.95
C HIS A 33 -7.25 2.58 -15.81
N ARG A 34 -8.31 1.81 -15.60
CA ARG A 34 -9.46 1.93 -16.47
C ARG A 34 -10.20 3.23 -16.28
N ASP A 35 -9.84 4.06 -15.29
CA ASP A 35 -10.43 5.38 -15.16
C ASP A 35 -9.69 6.42 -15.99
N GLY A 36 -8.73 6.01 -16.82
CA GLY A 36 -8.01 6.93 -17.68
C GLY A 36 -7.14 7.91 -16.92
N GLY A 37 -6.85 7.64 -15.66
CA GLY A 37 -6.09 8.55 -14.85
C GLY A 37 -6.92 9.46 -13.99
N HIS A 38 -8.25 9.28 -13.97
CA HIS A 38 -9.09 10.20 -13.21
C HIS A 38 -8.65 10.28 -11.75
N ALA A 39 -8.41 9.13 -11.12
CA ALA A 39 -8.17 9.14 -9.68
C ALA A 39 -6.71 9.47 -9.35
N GLY A 40 -5.77 8.85 -10.03
CA GLY A 40 -4.38 8.99 -9.63
C GLY A 40 -3.54 9.81 -10.59
N GLY A 41 -4.12 10.21 -11.73
CA GLY A 41 -3.43 11.00 -12.71
C GLY A 41 -2.91 10.17 -13.88
N ILE A 42 -2.41 10.89 -14.88
CA ILE A 42 -1.91 10.27 -16.10
C ILE A 42 -0.39 10.22 -16.04
N PHE A 43 0.16 9.01 -16.00
CA PHE A 43 1.60 8.83 -15.92
C PHE A 43 1.93 7.39 -16.25
N ASN A 44 3.18 7.17 -16.67
CA ASN A 44 3.75 5.84 -16.82
C ASN A 44 4.85 5.56 -15.82
N ARG A 45 5.35 6.56 -15.13
CA ARG A 45 6.48 6.34 -14.24
C ARG A 45 6.49 7.45 -13.20
N TYR A 46 7.32 7.26 -12.18
CA TYR A 46 7.43 8.25 -11.13
C TYR A 46 8.77 8.95 -11.22
N ASN A 47 8.83 10.10 -10.59
CA ASN A 47 10.10 10.69 -10.16
C ASN A 47 10.22 10.45 -8.67
N ILE A 48 11.08 9.52 -8.27
CA ILE A 48 11.23 9.20 -6.87
C ILE A 48 12.14 10.25 -6.23
N LEU A 49 11.64 10.90 -5.19
CA LEU A 49 12.37 11.99 -4.57
C LEU A 49 13.10 11.56 -3.32
N LYS A 50 12.49 10.67 -2.55
CA LYS A 50 13.09 10.23 -1.30
C LYS A 50 12.49 8.89 -0.93
N ILE A 51 13.32 8.02 -0.36
CA ILE A 51 12.84 6.77 0.24
C ILE A 51 13.42 6.68 1.63
N GLN A 52 12.54 6.59 2.62
CA GLN A 52 12.92 6.56 4.01
C GLN A 52 12.49 5.24 4.62
N LYS A 53 13.39 4.62 5.39
CA LYS A 53 13.05 3.45 6.18
C LYS A 53 12.33 3.92 7.43
N VAL A 54 11.22 3.26 7.77
CA VAL A 54 10.40 3.61 8.95
C VAL A 54 10.80 2.67 10.08
N CYS A 55 11.31 3.23 11.16
CA CYS A 55 11.84 2.44 12.28
C CYS A 55 11.04 2.76 13.52
N ASN A 56 10.36 1.75 14.04
CA ASN A 56 9.60 1.95 15.28
C ASN A 56 9.57 0.60 15.99
N LYS A 57 10.27 0.51 17.12
CA LYS A 57 10.45 -0.77 17.80
C LYS A 57 9.13 -1.37 18.24
N LYS A 58 8.25 -0.55 18.81
CA LYS A 58 7.02 -1.10 19.38
C LYS A 58 6.07 -1.56 18.28
N LEU A 59 5.97 -0.79 17.20
CA LEU A 59 5.16 -1.21 16.07
C LEU A 59 5.75 -2.45 15.41
N TRP A 60 7.08 -2.54 15.33
CA TRP A 60 7.67 -3.73 14.73
C TRP A 60 7.41 -4.97 15.58
N GLU A 61 7.60 -4.86 16.91
CA GLU A 61 7.33 -6.00 17.78
C GLU A 61 5.87 -6.39 17.73
N ARG A 62 4.99 -5.40 17.59
CA ARG A 62 3.57 -5.71 17.46
C ARG A 62 3.31 -6.49 16.18
N TYR A 63 3.96 -6.09 15.09
CA TYR A 63 3.82 -6.82 13.83
C TYR A 63 4.39 -8.22 13.94
N THR A 64 5.62 -8.36 14.45
CA THR A 64 6.23 -9.68 14.45
C THR A 64 5.53 -10.63 15.42
N HIS A 65 4.94 -10.08 16.48
CA HIS A 65 4.17 -10.93 17.39
C HIS A 65 2.98 -11.53 16.66
N ARG A 66 2.23 -10.69 15.95
CA ARG A 66 1.07 -11.19 15.22
C ARG A 66 1.52 -12.09 14.06
N ARG A 67 2.60 -11.73 13.38
CA ARG A 67 3.10 -12.57 12.31
C ARG A 67 3.32 -13.99 12.80
N LYS A 68 3.87 -14.14 14.01
CA LYS A 68 4.12 -15.45 14.55
C LYS A 68 2.82 -16.21 14.80
N GLU A 69 1.81 -15.54 15.36
CA GLU A 69 0.51 -16.19 15.57
C GLU A 69 -0.06 -16.67 14.25
N VAL A 70 -0.02 -15.81 13.23
CA VAL A 70 -0.60 -16.16 11.95
C VAL A 70 0.14 -17.35 11.36
N SER A 71 1.48 -17.28 11.31
CA SER A 71 2.30 -18.39 10.87
C SER A 71 1.88 -19.71 11.51
N GLU A 72 1.71 -19.72 12.82
CA GLU A 72 1.34 -20.96 13.50
C GLU A 72 -0.06 -21.43 13.14
N GLU A 73 -0.94 -20.55 12.67
CA GLU A 73 -2.27 -20.97 12.27
C GLU A 73 -2.34 -21.37 10.80
N ASN A 74 -1.22 -21.30 10.07
CA ASN A 74 -1.25 -21.46 8.63
C ASN A 74 -0.06 -22.31 8.15
N HIS A 75 0.04 -23.53 8.69
CA HIS A 75 1.13 -24.46 8.42
C HIS A 75 2.48 -23.75 8.38
N ASN A 76 2.74 -22.94 9.42
CA ASN A 76 4.04 -22.27 9.62
C ASN A 76 4.41 -21.35 8.46
N HIS A 77 3.42 -20.69 7.88
CA HIS A 77 3.63 -19.84 6.72
C HIS A 77 2.94 -18.51 6.99
N ALA A 78 3.73 -17.47 7.28
CA ALA A 78 3.13 -16.16 7.49
C ALA A 78 2.52 -15.61 6.22
N ASN A 79 3.01 -16.05 5.06
CA ASN A 79 2.56 -15.53 3.78
C ASN A 79 2.79 -14.02 3.73
N GLU A 80 4.01 -13.63 4.04
CA GLU A 80 4.34 -12.22 4.18
C GLU A 80 4.67 -11.64 2.82
N ARG A 81 4.03 -10.52 2.48
CA ARG A 81 4.29 -9.80 1.24
C ARG A 81 4.75 -8.38 1.54
N MET A 82 5.31 -7.74 0.51
CA MET A 82 5.58 -6.30 0.50
C MET A 82 4.58 -5.68 -0.48
N LEU A 83 3.78 -4.74 0.01
CA LEU A 83 2.65 -4.22 -0.73
C LEU A 83 2.54 -2.71 -0.53
N PHE A 84 1.93 -2.03 -1.50
CA PHE A 84 1.81 -0.58 -1.37
C PHE A 84 0.54 -0.19 -0.62
N HIS A 85 0.58 1.01 -0.06
CA HIS A 85 -0.57 1.59 0.61
C HIS A 85 -0.48 3.09 0.44
N GLY A 86 -1.49 3.69 -0.17
CA GLY A 86 -1.58 5.14 -0.27
C GLY A 86 -2.74 5.61 0.59
N SER A 87 -2.56 6.74 1.24
CA SER A 87 -3.59 7.20 2.13
C SER A 87 -3.32 8.64 2.48
N PRO A 88 -4.34 9.47 2.66
CA PRO A 88 -4.11 10.81 3.21
C PRO A 88 -3.48 10.78 4.58
N PHE A 89 -3.51 9.65 5.28
CA PHE A 89 -3.14 9.58 6.69
C PHE A 89 -1.80 8.92 6.90
N VAL A 90 -0.95 8.99 5.86
CA VAL A 90 0.34 8.30 5.91
C VAL A 90 1.16 8.76 7.11
N ASN A 91 1.12 10.07 7.44
CA ASN A 91 1.89 10.53 8.59
C ASN A 91 1.38 9.92 9.89
N ALA A 92 0.06 9.73 10.01
CA ALA A 92 -0.43 9.07 11.22
C ALA A 92 -0.06 7.59 11.22
N ILE A 93 -0.13 6.93 10.05
CA ILE A 93 0.18 5.50 10.00
C ILE A 93 1.61 5.25 10.47
N ILE A 94 2.57 6.07 10.02
CA ILE A 94 3.96 5.77 10.37
C ILE A 94 4.23 5.98 11.85
N HIS A 95 3.47 6.87 12.51
CA HIS A 95 3.74 7.05 13.93
C HIS A 95 2.90 6.13 14.80
N LYS A 96 1.67 5.83 14.40
CA LYS A 96 0.74 5.08 15.24
C LYS A 96 0.50 3.65 14.76
N GLY A 97 0.96 3.32 13.56
CA GLY A 97 0.71 2.01 12.99
C GLY A 97 -0.63 1.97 12.30
N PHE A 98 -0.89 0.85 11.63
CA PHE A 98 -2.20 0.60 11.07
C PHE A 98 -3.22 0.28 12.16
N ASP A 99 -4.47 0.60 11.89
CA ASP A 99 -5.51 0.57 12.89
C ASP A 99 -6.78 0.14 12.16
N GLU A 100 -7.27 -1.07 12.46
CA GLU A 100 -8.44 -1.59 11.75
C GLU A 100 -9.72 -0.91 12.18
N ARG A 101 -9.68 -0.09 13.24
CA ARG A 101 -10.79 0.79 13.54
C ARG A 101 -10.91 1.91 12.52
N HIS A 102 -9.91 2.07 11.64
CA HIS A 102 -9.96 2.97 10.50
C HIS A 102 -9.79 2.20 9.21
N ALA A 103 -10.50 1.09 9.14
CA ALA A 103 -10.59 0.36 7.89
C ALA A 103 -11.36 1.17 6.86
N TYR A 104 -11.18 0.79 5.61
CA TYR A 104 -11.93 1.35 4.48
C TYR A 104 -13.29 0.67 4.45
N ILE A 105 -14.31 1.36 4.96
CA ILE A 105 -15.63 0.76 5.11
C ILE A 105 -16.20 0.36 3.75
N GLY A 106 -15.95 1.17 2.72
CA GLY A 106 -16.57 0.94 1.43
C GLY A 106 -15.70 0.22 0.41
N GLY A 107 -14.70 -0.53 0.86
CA GLY A 107 -13.90 -1.30 -0.07
C GLY A 107 -14.66 -2.48 -0.62
N MET A 108 -14.27 -2.90 -1.83
CA MET A 108 -14.95 -4.02 -2.50
C MET A 108 -14.88 -5.32 -1.70
N PHE A 109 -13.85 -5.51 -0.90
CA PHE A 109 -13.57 -6.80 -0.28
C PHE A 109 -13.83 -6.78 1.22
N GLY A 110 -14.72 -5.90 1.67
CA GLY A 110 -15.04 -5.81 3.08
C GLY A 110 -14.33 -4.67 3.78
N ALA A 111 -14.85 -4.32 4.96
CA ALA A 111 -14.28 -3.25 5.76
C ALA A 111 -12.95 -3.69 6.37
N GLY A 112 -11.86 -3.42 5.68
CA GLY A 112 -10.56 -3.73 6.23
C GLY A 112 -9.52 -2.75 5.77
N ILE A 113 -8.25 -3.13 5.92
CA ILE A 113 -7.12 -2.32 5.52
C ILE A 113 -6.61 -2.85 4.19
N TYR A 114 -6.53 -2.00 3.18
CA TYR A 114 -6.29 -2.39 1.79
C TYR A 114 -4.85 -2.13 1.40
N PHE A 115 -4.30 -3.04 0.58
CA PHE A 115 -2.94 -2.92 0.04
C PHE A 115 -2.96 -3.33 -1.42
N ALA A 116 -1.95 -2.87 -2.17
CA ALA A 116 -1.93 -3.16 -3.61
C ALA A 116 -0.58 -3.68 -4.06
N GLU A 117 -0.60 -4.64 -5.01
CA GLU A 117 0.64 -4.95 -5.70
C GLU A 117 1.02 -3.86 -6.69
N ASN A 118 0.04 -3.24 -7.35
CA ASN A 118 0.32 -2.13 -8.27
C ASN A 118 0.52 -0.86 -7.46
N SER A 119 1.73 -0.31 -7.50
CA SER A 119 1.97 0.99 -6.89
C SER A 119 0.98 2.02 -7.40
N SER A 120 0.62 1.95 -8.68
CA SER A 120 -0.27 2.96 -9.23
C SER A 120 -1.71 2.81 -8.73
N LYS A 121 -2.11 1.63 -8.26
CA LYS A 121 -3.39 1.52 -7.59
C LYS A 121 -3.36 2.27 -6.26
N SER A 122 -2.30 2.09 -5.47
CA SER A 122 -2.21 2.80 -4.20
C SER A 122 -2.12 4.31 -4.43
N ASN A 123 -1.43 4.72 -5.50
CA ASN A 123 -1.35 6.14 -5.85
C ASN A 123 -2.72 6.76 -6.01
N GLN A 124 -3.72 5.97 -6.43
CA GLN A 124 -5.07 6.51 -6.55
C GLN A 124 -5.66 6.97 -5.23
N TYR A 125 -5.02 6.66 -4.10
CA TYR A 125 -5.61 6.96 -2.79
C TYR A 125 -4.76 7.95 -1.99
N VAL A 126 -3.66 8.45 -2.57
CA VAL A 126 -2.80 9.31 -1.77
C VAL A 126 -3.52 10.61 -1.44
N TYR A 127 -4.39 11.10 -2.33
CA TYR A 127 -5.13 12.32 -2.07
C TYR A 127 -6.55 12.06 -1.59
N GLY A 128 -6.90 10.83 -1.27
CA GLY A 128 -8.25 10.51 -0.82
C GLY A 128 -8.90 9.45 -1.70
N ILE A 129 -10.12 9.08 -1.32
CA ILE A 129 -10.83 8.04 -2.05
C ILE A 129 -11.08 8.51 -3.48
N GLY A 130 -10.69 7.70 -4.46
CA GLY A 130 -10.77 8.12 -5.85
C GLY A 130 -9.93 9.32 -6.18
N GLY A 131 -8.84 9.54 -5.44
CA GLY A 131 -8.06 10.74 -5.57
C GLY A 131 -8.63 11.95 -4.87
N GLY A 132 -9.79 11.81 -4.21
CA GLY A 132 -10.40 12.95 -3.56
C GLY A 132 -10.58 14.13 -4.50
N THR A 133 -10.15 15.30 -4.07
CA THR A 133 -10.14 16.51 -4.91
C THR A 133 -8.73 16.82 -5.45
N GLY A 134 -7.84 15.84 -5.48
CA GLY A 134 -6.51 16.06 -5.99
C GLY A 134 -5.58 16.68 -4.95
N CYS A 135 -4.44 17.14 -5.44
CA CYS A 135 -3.44 17.71 -4.54
C CYS A 135 -4.04 18.90 -3.79
N PRO A 136 -3.61 19.14 -2.55
CA PRO A 136 -4.19 20.27 -1.78
C PRO A 136 -3.93 21.64 -2.40
N VAL A 137 -2.79 21.83 -3.09
CA VAL A 137 -2.43 23.16 -3.57
C VAL A 137 -3.19 23.49 -4.85
N HIS A 138 -3.30 22.55 -5.77
CA HIS A 138 -3.88 22.83 -7.08
C HIS A 138 -5.22 22.16 -7.33
N LYS A 139 -5.66 21.27 -6.42
CA LYS A 139 -6.90 20.53 -6.62
C LYS A 139 -6.85 19.73 -7.93
N ASP A 140 -5.71 19.10 -8.18
CA ASP A 140 -5.42 18.42 -9.42
C ASP A 140 -5.05 16.98 -9.08
N ARG A 141 -5.94 16.04 -9.44
CA ARG A 141 -5.62 14.64 -9.17
C ARG A 141 -4.46 14.15 -10.00
N SER A 142 -4.16 14.84 -11.10
CA SER A 142 -3.02 14.51 -11.96
C SER A 142 -1.87 15.49 -11.79
N CYS A 143 -1.76 16.11 -10.61
CA CYS A 143 -0.68 17.08 -10.40
C CYS A 143 0.69 16.45 -10.62
N TYR A 144 1.49 17.08 -11.49
CA TYR A 144 2.89 16.72 -11.69
C TYR A 144 3.85 17.50 -10.80
N ILE A 145 3.34 18.50 -10.08
CA ILE A 145 4.17 19.37 -9.26
C ILE A 145 4.27 18.87 -7.82
N CYS A 146 3.12 18.60 -7.21
CA CYS A 146 3.09 18.37 -5.78
C CYS A 146 3.68 17.00 -5.46
N HIS A 147 4.32 16.91 -4.29
CA HIS A 147 4.90 15.65 -3.84
C HIS A 147 3.81 14.75 -3.29
N ARG A 148 3.89 13.48 -3.65
CA ARG A 148 3.04 12.45 -3.07
C ARG A 148 3.87 11.53 -2.21
N GLN A 149 3.20 10.76 -1.34
CA GLN A 149 3.87 9.76 -0.51
C GLN A 149 3.07 8.48 -0.49
N LEU A 150 3.75 7.36 -0.64
CA LEU A 150 3.19 6.03 -0.56
C LEU A 150 3.94 5.30 0.54
N LEU A 151 3.30 4.29 1.12
CA LEU A 151 4.02 3.34 1.97
C LEU A 151 4.23 2.04 1.21
N PHE A 152 5.37 1.44 1.43
CA PHE A 152 5.67 0.10 0.93
C PHE A 152 5.78 -0.74 2.20
N CYS A 153 4.82 -1.62 2.39
CA CYS A 153 4.53 -2.21 3.70
C CYS A 153 4.78 -3.70 3.69
N ARG A 154 5.25 -4.19 4.82
CA ARG A 154 5.35 -5.62 5.07
C ARG A 154 4.00 -6.07 5.60
N VAL A 155 3.35 -7.01 4.90
CA VAL A 155 1.98 -7.41 5.20
C VAL A 155 1.91 -8.92 5.38
N THR A 156 1.38 -9.35 6.51
CA THR A 156 1.16 -10.76 6.77
C THR A 156 -0.23 -11.15 6.24
N LEU A 157 -0.26 -12.06 5.26
CA LEU A 157 -1.55 -12.50 4.72
C LEU A 157 -2.07 -13.76 5.36
N GLY A 158 -1.19 -14.59 5.89
CA GLY A 158 -1.59 -15.90 6.36
C GLY A 158 -2.39 -16.63 5.31
N LYS A 159 -3.40 -17.34 5.75
CA LYS A 159 -4.32 -18.05 4.84
C LYS A 159 -5.23 -17.00 4.26
N SER A 160 -5.08 -16.75 2.97
CA SER A 160 -5.78 -15.65 2.33
C SER A 160 -6.97 -16.21 1.56
N PHE A 161 -8.13 -15.63 1.82
CA PHE A 161 -9.34 -15.99 1.10
C PHE A 161 -9.25 -15.41 -0.32
N LEU A 162 -9.29 -16.29 -1.31
CA LEU A 162 -9.19 -15.87 -2.69
C LEU A 162 -10.56 -15.40 -3.17
N GLN A 163 -10.68 -14.11 -3.42
CA GLN A 163 -11.90 -13.53 -3.95
C GLN A 163 -11.61 -13.03 -5.35
N PHE A 164 -12.30 -13.58 -6.34
CA PHE A 164 -12.16 -13.10 -7.71
C PHE A 164 -13.12 -11.95 -7.93
N SER A 165 -12.60 -10.88 -8.51
CA SER A 165 -13.36 -9.66 -8.73
C SER A 165 -13.43 -9.42 -10.24
N ALA A 166 -14.49 -8.77 -10.66
CA ALA A 166 -14.67 -8.49 -12.08
C ALA A 166 -13.92 -7.24 -12.54
N MET A 167 -12.87 -6.85 -11.81
CA MET A 167 -12.05 -5.71 -12.19
C MET A 167 -10.88 -6.16 -13.06
N ALA B 2 -14.43 -4.81 10.18
CA ALA B 2 -15.00 -6.12 9.84
C ALA B 2 -14.04 -7.24 10.21
N HIS B 3 -14.47 -8.47 9.96
CA HIS B 3 -13.68 -9.66 10.25
C HIS B 3 -13.28 -10.34 8.95
N SER B 4 -12.14 -11.02 8.99
CA SER B 4 -11.73 -11.86 7.89
C SER B 4 -12.68 -13.05 7.75
N PRO B 5 -12.74 -13.65 6.57
CA PRO B 5 -13.51 -14.88 6.39
C PRO B 5 -13.16 -15.91 7.45
N PRO B 6 -14.13 -16.68 7.93
CA PRO B 6 -13.82 -17.72 8.93
C PRO B 6 -12.66 -18.58 8.49
N GLY B 7 -11.69 -18.75 9.38
CA GLY B 7 -10.52 -19.56 9.09
C GLY B 7 -9.51 -18.90 8.20
N HIS B 8 -9.65 -17.61 7.91
CA HIS B 8 -8.71 -16.91 7.06
C HIS B 8 -8.16 -15.69 7.80
N HIS B 9 -6.97 -15.22 7.38
CA HIS B 9 -6.31 -14.08 7.99
C HIS B 9 -6.34 -12.84 7.11
N SER B 10 -6.84 -12.95 5.89
CA SER B 10 -6.80 -11.85 4.94
C SER B 10 -7.68 -12.26 3.77
N VAL B 11 -7.89 -11.29 2.88
CA VAL B 11 -8.56 -11.54 1.61
C VAL B 11 -7.61 -11.12 0.50
N THR B 12 -7.55 -11.96 -0.54
CA THR B 12 -6.90 -11.62 -1.79
C THR B 12 -7.94 -11.26 -2.82
N GLY B 13 -7.93 -10.01 -3.26
CA GLY B 13 -8.82 -9.57 -4.30
C GLY B 13 -8.11 -9.63 -5.64
N ARG B 14 -8.54 -10.55 -6.50
CA ARG B 14 -7.80 -10.82 -7.71
C ARG B 14 -8.61 -10.40 -8.91
N PRO B 15 -8.14 -9.44 -9.69
CA PRO B 15 -8.85 -9.06 -10.92
C PRO B 15 -8.99 -10.23 -11.88
N SER B 16 -10.22 -10.48 -12.32
CA SER B 16 -10.50 -11.55 -13.26
C SER B 16 -10.91 -11.03 -14.64
N VAL B 17 -10.89 -9.72 -14.84
CA VAL B 17 -11.24 -9.13 -16.13
C VAL B 17 -10.02 -8.46 -16.74
N ASN B 18 -9.44 -7.49 -16.04
CA ASN B 18 -8.22 -6.87 -16.51
C ASN B 18 -7.06 -7.80 -16.21
N GLY B 19 -6.51 -8.41 -17.25
CA GLY B 19 -5.40 -9.35 -17.09
C GLY B 19 -4.11 -8.71 -16.62
N LEU B 20 -3.93 -7.41 -16.85
CA LEU B 20 -2.75 -6.71 -16.37
C LEU B 20 -2.88 -6.19 -14.94
N ALA B 21 -4.08 -6.23 -14.36
CA ALA B 21 -4.23 -5.69 -13.03
C ALA B 21 -3.69 -6.70 -12.01
N LEU B 22 -2.81 -6.23 -11.13
CA LEU B 22 -2.33 -7.11 -10.08
C LEU B 22 -3.31 -7.11 -8.90
N ALA B 23 -3.05 -8.00 -7.94
CA ALA B 23 -4.00 -8.25 -6.88
C ALA B 23 -4.01 -7.12 -5.86
N GLU B 24 -5.08 -7.10 -5.08
CA GLU B 24 -5.24 -6.25 -3.93
C GLU B 24 -5.47 -7.17 -2.74
N TYR B 25 -5.13 -6.70 -1.54
CA TYR B 25 -5.19 -7.53 -0.36
C TYR B 25 -5.86 -6.75 0.77
N VAL B 26 -6.60 -7.46 1.61
CA VAL B 26 -7.30 -6.84 2.73
C VAL B 26 -6.91 -7.58 3.99
N ILE B 27 -6.55 -6.84 5.04
CA ILE B 27 -6.35 -7.44 6.33
C ILE B 27 -7.30 -6.78 7.30
N TYR B 28 -7.54 -7.45 8.42
CA TYR B 28 -8.56 -6.99 9.36
C TYR B 28 -7.98 -6.75 10.74
N ARG B 29 -6.65 -6.72 10.87
CA ARG B 29 -5.97 -6.37 12.09
C ARG B 29 -4.80 -5.48 11.73
N GLY B 30 -4.68 -4.32 12.39
CA GLY B 30 -3.58 -3.42 12.09
C GLY B 30 -2.23 -4.06 12.34
N GLU B 31 -2.18 -5.02 13.27
CA GLU B 31 -0.95 -5.69 13.62
C GLU B 31 -0.39 -6.55 12.48
N GLN B 32 -1.15 -6.78 11.41
CA GLN B 32 -0.66 -7.61 10.31
C GLN B 32 0.01 -6.80 9.20
N ALA B 33 0.26 -5.52 9.42
CA ALA B 33 1.05 -4.76 8.47
C ALA B 33 2.01 -3.88 9.23
N TYR B 34 3.19 -3.66 8.65
CA TYR B 34 4.14 -2.72 9.16
C TYR B 34 4.51 -1.73 8.06
N PRO B 35 4.41 -0.43 8.29
CA PRO B 35 4.74 0.54 7.24
C PRO B 35 6.25 0.67 7.08
N GLU B 36 6.87 -0.13 6.21
CA GLU B 36 8.32 -0.27 6.27
C GLU B 36 9.06 0.87 5.57
N TYR B 37 8.57 1.31 4.42
CA TYR B 37 9.21 2.37 3.66
C TYR B 37 8.22 3.48 3.38
N LEU B 38 8.68 4.72 3.51
CA LEU B 38 7.91 5.90 3.14
C LEU B 38 8.54 6.47 1.88
N ILE B 39 7.78 6.49 0.78
CA ILE B 39 8.30 6.85 -0.53
C ILE B 39 7.70 8.19 -0.91
N THR B 40 8.56 9.20 -1.08
CA THR B 40 8.13 10.51 -1.57
C THR B 40 8.45 10.63 -3.06
N TYR B 41 7.46 11.08 -3.85
CA TYR B 41 7.59 10.98 -5.30
C TYR B 41 6.64 11.97 -5.98
N GLN B 42 6.89 12.20 -7.28
CA GLN B 42 5.91 12.81 -8.16
C GLN B 42 5.57 11.81 -9.24
N ILE B 43 4.32 11.86 -9.72
CA ILE B 43 4.04 11.21 -11.00
C ILE B 43 4.69 12.06 -12.09
N MET B 44 5.11 11.41 -13.18
CA MET B 44 5.73 12.16 -14.28
C MET B 44 4.78 12.26 -15.45
N ARG B 45 4.81 13.40 -16.11
CA ARG B 45 4.00 13.61 -17.31
C ARG B 45 4.56 12.77 -18.45
N PRO B 46 3.73 11.97 -19.12
CA PRO B 46 4.26 11.11 -20.20
C PRO B 46 4.84 11.93 -21.33
N GLU B 47 5.98 11.48 -21.85
CA GLU B 47 6.66 12.20 -22.93
C GLU B 47 5.86 12.08 -24.22
C10 DU9 C . -8.63 5.28 2.79
C11 DU9 C . -9.24 6.59 3.13
C12 DU9 C . -9.25 7.80 2.44
C14 DU9 C . -9.90 8.97 2.86
C15 DU9 C . -10.58 8.91 4.10
C01 DU9 C . -4.72 -0.08 -2.84
C02 DU9 C . -5.33 0.85 -1.84
C03 DU9 C . -4.46 1.72 -1.04
C06 DU9 C . -6.50 2.53 0.07
C08 DU9 C . -6.37 4.27 1.95
C09 DU9 C . -7.10 5.42 2.65
C17 DU9 C . -11.74 10.03 6.15
C18 DU9 C . -13.15 10.70 6.30
C19 DU9 C . -13.68 10.66 7.75
C21 DU9 C . -12.72 12.05 4.38
C22 DU9 C . -12.84 13.45 3.74
C23 DU9 C . -11.27 11.45 4.23
C24 DU9 C . -10.59 7.68 4.83
C25 DU9 C . -9.93 6.52 4.37
C27 DU9 C . -10.33 4.62 6.20
C28 DU9 C . -8.99 4.42 4.03
C30 DU9 C . -9.21 4.70 1.53
C31 DU9 C . -8.63 3.33 1.17
C33 DU9 C . -6.70 0.86 -1.62
C35 DU9 C . -9.15 0.13 -2.09
C36 DU9 C . -7.04 -0.89 -3.42
C37 DU9 C . -5.63 -1.33 -3.02
F13 DU9 C . -8.57 7.88 1.24
N05 DU9 C . -5.11 2.57 -0.06
N07 DU9 C . -7.14 3.36 1.01
N16 DU9 C . -11.32 10.04 4.70
N26 DU9 C . -9.78 5.19 4.93
N32 DU9 C . -7.27 1.72 -0.64
N34 DU9 C . -7.62 0.04 -2.36
O04 DU9 C . -3.22 1.81 -1.13
O20 DU9 C . -13.10 12.00 5.75
O29 DU9 C . -8.70 3.23 4.18
ZN ZN D . -0.49 20.24 -6.99
P PO4 E . -8.73 0.42 -12.36
O1 PO4 E . -8.14 -0.21 -13.60
O2 PO4 E . -7.75 0.44 -11.23
O3 PO4 E . -9.93 -0.38 -11.95
O4 PO4 E . -9.19 1.84 -12.63
C1 GOL F . -5.90 2.17 8.81
O1 GOL F . -5.05 3.12 9.39
C2 GOL F . -5.92 2.34 7.24
O2 GOL F . -7.10 1.81 6.68
C3 GOL F . -5.75 3.88 6.95
O3 GOL F . -5.18 4.06 5.66
C1 GOL G . -12.15 -0.90 -4.55
O1 GOL G . -12.40 -1.13 -3.16
C2 GOL G . -10.68 -1.35 -4.87
O2 GOL G . -10.40 -2.58 -4.32
C3 GOL G . -10.56 -1.34 -6.41
O3 GOL G . -10.94 -0.07 -6.82
#